data_5JS5
#
_entry.id   5JS5
#
_cell.length_a   53.207
_cell.length_b   53.207
_cell.length_c   181.390
_cell.angle_alpha   90.000
_cell.angle_beta   90.000
_cell.angle_gamma   120.000
#
_symmetry.space_group_name_H-M   'P 65 2 2'
#
loop_
_entity.id
_entity.type
_entity.pdbx_description
1 polymer "Cytochrome c'"
2 non-polymer 'HEME C'
3 non-polymer 'ASCORBIC ACID'
4 non-polymer 'NITRIC OXIDE'
5 water water
#
_entity_poly.entity_id   1
_entity_poly.type   'polypeptide(L)'
_entity_poly.pdbx_seq_one_letter_code
;(PCA)FAKPEDAVKYRQSAFTLMASHFGRMTPVVKGQAPYDAAQIKANVEVLKTLSALPWAAFGPGTEGGDARPEIWSDA
ASFKQKQQAFQDNIVKLSAAADAGDLDKLRAAFGDVGASCKACHDAYRK
;
_entity_poly.pdbx_strand_id   A
#
loop_
_chem_comp.id
_chem_comp.type
_chem_comp.name
_chem_comp.formula
ASC L-saccharide 'ASCORBIC ACID' 'C6 H8 O6'
HEC non-polymer 'HEME C' 'C34 H34 Fe N4 O4'
NO non-polymer 'NITRIC OXIDE' 'N O'
#
# COMPACT_ATOMS: atom_id res chain seq x y z
N PCA A 1 -1.98 19.41 6.17
CA PCA A 1 -3.39 19.39 6.65
CB PCA A 1 -4.05 18.46 5.65
CG PCA A 1 -2.89 17.60 5.12
CD PCA A 1 -1.62 18.34 5.45
OE PCA A 1 -0.47 17.96 5.18
C PCA A 1 -3.55 18.92 8.08
O PCA A 1 -4.65 18.65 8.57
N PHE A 2 -2.45 18.93 8.79
CA PHE A 2 -2.27 18.27 10.06
C PHE A 2 -1.78 19.34 11.00
N ALA A 3 -2.73 19.79 11.82
CA ALA A 3 -2.49 20.82 12.85
C ALA A 3 -1.32 20.49 13.73
N LYS A 4 -1.32 19.24 14.24
CA LYS A 4 -0.27 18.73 15.09
C LYS A 4 0.25 17.47 14.48
N PRO A 5 1.49 17.10 14.81
CA PRO A 5 2.05 15.84 14.37
C PRO A 5 1.10 14.64 14.51
N GLU A 6 0.35 14.62 15.62
CA GLU A 6 -0.52 13.51 15.92
C GLU A 6 -1.60 13.35 14.92
N ASP A 7 -2.00 14.44 14.29
CA ASP A 7 -2.98 14.39 13.27
C ASP A 7 -2.45 13.69 12.04
N ALA A 8 -1.17 13.89 11.71
CA ALA A 8 -0.58 13.16 10.59
C ALA A 8 -0.50 11.66 10.92
N VAL A 9 -0.19 11.34 12.17
CA VAL A 9 -0.11 9.94 12.59
C VAL A 9 -1.47 9.24 12.45
N LYS A 10 -2.53 9.88 12.95
CA LYS A 10 -3.85 9.32 12.83
C LYS A 10 -4.27 9.16 11.35
N TYR A 11 -3.97 10.16 10.55
CA TYR A 11 -4.18 10.06 9.10
C TYR A 11 -3.53 8.82 8.48
N ARG A 12 -2.18 8.72 8.59
CA ARG A 12 -1.53 7.63 7.94
C ARG A 12 -1.95 6.26 8.44
N GLN A 13 -2.13 6.14 9.75
CA GLN A 13 -2.62 4.91 10.32
C GLN A 13 -4.00 4.49 9.73
N SER A 14 -4.88 5.46 9.59
CA SER A 14 -6.18 5.18 8.96
C SER A 14 -6.07 4.78 7.47
N ALA A 15 -5.23 5.47 6.72
CA ALA A 15 -4.94 5.05 5.35
C ALA A 15 -4.41 3.60 5.27
N PHE A 16 -3.45 3.24 6.12
CA PHE A 16 -2.93 1.88 6.10
C PHE A 16 -3.98 0.85 6.48
N THR A 17 -4.83 1.20 7.45
CA THR A 17 -5.96 0.33 7.85
C THR A 17 -6.85 0.04 6.61
N LEU A 18 -7.16 1.08 5.90
CA LEU A 18 -8.01 0.90 4.72
C LEU A 18 -7.30 0.18 3.63
N MET A 19 -6.00 0.52 3.37
CA MET A 19 -5.20 -0.23 2.42
C MET A 19 -5.20 -1.74 2.74
N ALA A 20 -4.98 -2.05 4.00
CA ALA A 20 -4.96 -3.41 4.47
C ALA A 20 -6.24 -4.14 4.20
N SER A 21 -7.37 -3.50 4.49
CA SER A 21 -8.66 -4.10 4.15
C SER A 21 -8.85 -4.33 2.67
N HIS A 22 -8.52 -3.33 1.85
CA HIS A 22 -8.70 -3.49 0.40
C HIS A 22 -7.74 -4.43 -0.24
N PHE A 23 -6.54 -4.57 0.34
CA PHE A 23 -5.58 -5.57 -0.14
C PHE A 23 -5.97 -6.95 0.35
N GLY A 24 -6.10 -7.06 1.66
CA GLY A 24 -6.28 -8.33 2.36
C GLY A 24 -7.56 -9.02 2.00
N ARG A 25 -8.56 -8.23 1.63
CA ARG A 25 -9.89 -8.82 1.31
C ARG A 25 -9.83 -9.60 0.03
N MET A 26 -8.79 -9.41 -0.78
CA MET A 26 -8.65 -10.13 -2.03
C MET A 26 -7.90 -11.43 -1.87
N THR A 27 -7.40 -11.72 -0.67
CA THR A 27 -6.59 -12.93 -0.50
C THR A 27 -7.45 -14.16 -0.80
N PRO A 28 -8.71 -14.22 -0.27
CA PRO A 28 -9.43 -15.49 -0.54
C PRO A 28 -9.71 -15.64 -2.01
N VAL A 29 -9.82 -14.50 -2.72
CA VAL A 29 -9.98 -14.52 -4.15
C VAL A 29 -8.70 -14.93 -4.86
N VAL A 30 -7.57 -14.37 -4.47
CA VAL A 30 -6.30 -14.79 -5.05
C VAL A 30 -5.97 -16.27 -4.70
N LYS A 31 -6.40 -16.72 -3.52
CA LYS A 31 -6.21 -18.11 -3.14
C LYS A 31 -7.27 -19.06 -3.77
N GLY A 32 -8.35 -18.57 -4.36
CA GLY A 32 -9.32 -19.50 -4.96
C GLY A 32 -10.44 -19.89 -4.00
N GLN A 33 -10.30 -19.50 -2.75
CA GLN A 33 -11.32 -19.81 -1.74
C GLN A 33 -12.65 -18.99 -1.87
N ALA A 34 -12.59 -17.79 -2.45
CA ALA A 34 -13.75 -17.00 -2.83
C ALA A 34 -13.74 -16.86 -4.36
N PRO A 35 -14.94 -16.71 -5.00
CA PRO A 35 -14.94 -16.65 -6.48
C PRO A 35 -14.28 -15.34 -7.00
N TYR A 36 -13.81 -15.41 -8.25
CA TYR A 36 -13.22 -14.30 -8.96
C TYR A 36 -14.23 -13.60 -9.89
N ASP A 37 -14.60 -12.36 -9.57
CA ASP A 37 -15.48 -11.50 -10.39
C ASP A 37 -14.55 -10.37 -10.88
N ALA A 38 -14.18 -10.40 -12.17
CA ALA A 38 -13.18 -9.43 -12.66
C ALA A 38 -13.61 -7.98 -12.44
N ALA A 39 -14.88 -7.69 -12.64
CA ALA A 39 -15.32 -6.31 -12.44
C ALA A 39 -15.24 -5.93 -10.96
N GLN A 40 -15.60 -6.84 -10.05
CA GLN A 40 -15.51 -6.58 -8.60
C GLN A 40 -14.05 -6.21 -8.27
N ILE A 41 -13.12 -7.01 -8.78
CA ILE A 41 -11.68 -6.80 -8.50
C ILE A 41 -11.21 -5.53 -9.17
N LYS A 42 -11.57 -5.30 -10.43
CA LYS A 42 -11.23 -4.02 -11.06
C LYS A 42 -11.61 -2.79 -10.19
N ALA A 43 -12.87 -2.75 -9.74
CA ALA A 43 -13.37 -1.70 -8.84
C ALA A 43 -12.65 -1.64 -7.49
N ASN A 44 -12.39 -2.80 -6.93
CA ASN A 44 -11.66 -2.83 -5.66
C ASN A 44 -10.19 -2.30 -5.76
N VAL A 45 -9.49 -2.72 -6.79
CA VAL A 45 -8.13 -2.26 -7.02
C VAL A 45 -8.14 -0.75 -7.32
N GLU A 46 -9.16 -0.21 -7.96
CA GLU A 46 -9.28 1.24 -8.13
C GLU A 46 -9.32 1.93 -6.78
N VAL A 47 -10.10 1.37 -5.83
CA VAL A 47 -10.13 1.93 -4.49
C VAL A 47 -8.73 1.83 -3.87
N LEU A 48 -8.13 0.66 -3.96
CA LEU A 48 -6.83 0.43 -3.34
C LEU A 48 -5.76 1.37 -3.95
N LYS A 49 -5.87 1.62 -5.24
CA LYS A 49 -4.96 2.52 -5.93
C LYS A 49 -5.07 3.94 -5.32
N THR A 50 -6.27 4.43 -5.18
CA THR A 50 -6.48 5.76 -4.52
C THR A 50 -5.88 5.80 -3.13
N LEU A 51 -6.19 4.78 -2.33
CA LEU A 51 -5.76 4.72 -0.96
C LEU A 51 -4.24 4.65 -0.83
N SER A 52 -3.64 3.90 -1.73
CA SER A 52 -2.21 3.60 -1.66
C SER A 52 -1.36 4.84 -1.92
N ALA A 53 -1.93 5.88 -2.52
CA ALA A 53 -1.21 7.16 -2.71
C ALA A 53 -1.27 8.09 -1.49
N LEU A 54 -2.06 7.75 -0.48
CA LEU A 54 -2.40 8.68 0.60
C LEU A 54 -1.36 8.78 1.76
N PRO A 55 -0.70 7.70 2.17
CA PRO A 55 0.06 7.83 3.43
C PRO A 55 1.25 8.80 3.38
N TRP A 56 1.79 8.95 2.18
CA TRP A 56 3.16 9.49 2.02
C TRP A 56 3.25 10.93 2.45
N ALA A 57 2.22 11.70 2.15
CA ALA A 57 2.14 13.10 2.51
C ALA A 57 1.93 13.33 4.00
N ALA A 58 1.68 12.26 4.75
CA ALA A 58 1.47 12.30 6.17
C ALA A 58 2.73 11.89 6.96
N PHE A 59 3.84 11.68 6.24
CA PHE A 59 5.20 11.54 6.81
C PHE A 59 6.05 12.81 6.57
N GLY A 60 5.40 13.98 6.65
CA GLY A 60 6.11 15.26 6.48
C GLY A 60 7.13 15.58 7.58
N PRO A 61 7.96 16.63 7.37
CA PRO A 61 8.89 17.06 8.43
C PRO A 61 8.17 17.28 9.73
N GLY A 62 8.68 16.67 10.79
CA GLY A 62 8.19 16.94 12.15
C GLY A 62 6.98 16.08 12.56
N THR A 63 6.68 15.01 11.78
CA THR A 63 5.52 14.09 12.05
C THR A 63 5.94 12.74 12.61
N GLU A 64 7.11 12.71 13.24
CA GLU A 64 7.54 11.56 13.98
C GLU A 64 6.45 11.14 14.99
N GLY A 65 6.21 9.84 15.11
CA GLY A 65 5.27 9.30 16.09
C GLY A 65 4.69 8.00 15.59
N GLY A 66 3.66 7.53 16.30
CA GLY A 66 3.05 6.22 16.01
C GLY A 66 4.08 5.10 16.00
N ASP A 67 3.91 4.16 15.07
CA ASP A 67 4.90 3.09 14.85
C ASP A 67 5.89 3.37 13.75
N ALA A 68 6.02 4.64 13.37
CA ALA A 68 6.96 5.04 12.33
C ALA A 68 8.37 5.14 12.96
N ARG A 69 9.30 4.36 12.41
CA ARG A 69 10.70 4.43 12.78
C ARG A 69 11.33 5.74 12.36
N PRO A 70 12.30 6.24 13.18
CA PRO A 70 12.89 7.52 12.85
C PRO A 70 13.73 7.54 11.58
N GLU A 71 14.13 6.35 11.14
CA GLU A 71 14.91 6.15 9.94
C GLU A 71 14.12 6.56 8.68
N ILE A 72 12.80 6.62 8.80
CA ILE A 72 11.98 7.15 7.71
C ILE A 72 12.44 8.55 7.27
N TRP A 73 12.87 9.37 8.23
CA TRP A 73 13.23 10.76 7.96
C TRP A 73 14.74 10.98 7.78
N SER A 74 15.52 10.21 8.49
CA SER A 74 16.99 10.30 8.34
C SER A 74 17.50 9.57 7.07
N ASP A 75 16.76 8.55 6.60
CA ASP A 75 17.08 7.90 5.34
C ASP A 75 15.96 8.16 4.35
N ALA A 76 15.70 9.44 4.08
CA ALA A 76 14.56 9.83 3.24
C ALA A 76 14.58 9.23 1.81
N ALA A 77 15.77 9.12 1.21
CA ALA A 77 15.88 8.52 -0.13
C ALA A 77 15.54 7.04 -0.12
N SER A 78 15.98 6.33 0.92
CA SER A 78 15.69 4.91 1.04
CA SER A 78 15.71 4.91 1.06
C SER A 78 14.20 4.67 1.29
N PHE A 79 13.62 5.46 2.16
CA PHE A 79 12.18 5.38 2.32
C PHE A 79 11.42 5.77 1.05
N LYS A 80 11.88 6.82 0.35
CA LYS A 80 11.25 7.21 -0.94
C LYS A 80 11.31 6.03 -1.90
N GLN A 81 12.42 5.29 -1.91
CA GLN A 81 12.56 4.15 -2.82
C GLN A 81 11.53 3.04 -2.48
N LYS A 82 11.40 2.70 -1.20
CA LYS A 82 10.45 1.65 -0.71
C LYS A 82 9.00 2.03 -1.04
N GLN A 83 8.70 3.31 -0.84
CA GLN A 83 7.38 3.82 -1.20
C GLN A 83 7.12 3.81 -2.68
N GLN A 84 8.11 4.26 -3.48
CA GLN A 84 7.92 4.27 -4.95
C GLN A 84 7.86 2.89 -5.53
N ALA A 85 8.64 1.96 -5.01
CA ALA A 85 8.52 0.54 -5.46
C ALA A 85 7.10 0.00 -5.21
N PHE A 86 6.63 0.30 -3.99
CA PHE A 86 5.29 -0.10 -3.61
C PHE A 86 4.30 0.47 -4.59
N GLN A 87 4.28 1.78 -4.77
N GLN A 87 4.41 1.76 -4.84
CA GLN A 87 3.24 2.36 -5.66
CA GLN A 87 3.51 2.44 -5.78
C GLN A 87 3.36 1.86 -7.11
C GLN A 87 3.59 1.89 -7.22
N ASP A 88 4.60 1.62 -7.56
N ASP A 88 4.80 1.62 -7.69
CA ASP A 88 4.86 1.02 -8.86
CA ASP A 88 5.01 0.95 -8.98
C ASP A 88 4.27 -0.38 -8.98
C ASP A 88 4.27 -0.39 -9.00
N ASN A 89 4.39 -1.17 -7.92
CA ASN A 89 3.68 -2.47 -7.84
C ASN A 89 2.18 -2.32 -7.85
N ILE A 90 1.67 -1.25 -7.24
CA ILE A 90 0.23 -0.95 -7.35
C ILE A 90 -0.18 -0.70 -8.77
N VAL A 91 0.62 0.04 -9.53
CA VAL A 91 0.32 0.24 -10.97
C VAL A 91 0.21 -1.07 -11.72
N LYS A 92 1.12 -2.00 -11.43
CA LYS A 92 1.11 -3.32 -12.06
C LYS A 92 -0.18 -4.12 -11.69
N LEU A 93 -0.56 -4.01 -10.44
CA LEU A 93 -1.80 -4.62 -9.96
C LEU A 93 -3.03 -4.04 -10.64
N SER A 94 -3.07 -2.72 -10.81
CA SER A 94 -4.20 -2.05 -11.54
C SER A 94 -4.24 -2.59 -12.97
N ALA A 95 -3.07 -2.75 -13.62
CA ALA A 95 -3.02 -3.23 -14.99
C ALA A 95 -3.55 -4.68 -15.14
N ALA A 96 -3.20 -5.52 -14.19
CA ALA A 96 -3.68 -6.89 -14.11
C ALA A 96 -5.18 -6.89 -13.91
N ALA A 97 -5.64 -6.12 -12.94
CA ALA A 97 -7.13 -6.06 -12.65
C ALA A 97 -7.92 -5.53 -13.83
N ASP A 98 -7.35 -4.52 -14.47
CA ASP A 98 -7.98 -3.86 -15.58
C ASP A 98 -8.08 -4.87 -16.73
N ALA A 99 -7.09 -5.77 -16.84
CA ALA A 99 -7.10 -6.88 -17.81
C ALA A 99 -8.01 -8.05 -17.50
N GLY A 100 -8.40 -8.20 -16.25
CA GLY A 100 -9.35 -9.27 -15.84
C GLY A 100 -8.69 -10.65 -15.85
N ASP A 101 -7.38 -10.64 -15.65
CA ASP A 101 -6.53 -11.80 -15.88
C ASP A 101 -6.08 -12.29 -14.53
N LEU A 102 -6.62 -13.41 -14.10
CA LEU A 102 -6.41 -13.92 -12.77
C LEU A 102 -4.96 -14.31 -12.43
N ASP A 103 -4.21 -14.84 -13.39
CA ASP A 103 -2.79 -15.21 -13.08
C ASP A 103 -1.94 -13.98 -12.90
N LYS A 104 -2.11 -13.02 -13.81
CA LYS A 104 -1.41 -11.73 -13.71
C LYS A 104 -1.84 -11.03 -12.42
N LEU A 105 -3.12 -11.14 -12.04
CA LEU A 105 -3.63 -10.67 -10.72
C LEU A 105 -2.89 -11.33 -9.50
N ARG A 106 -2.76 -12.65 -9.50
CA ARG A 106 -2.10 -13.40 -8.45
C ARG A 106 -0.63 -12.97 -8.34
N ALA A 107 0.06 -12.80 -9.45
CA ALA A 107 1.47 -12.40 -9.43
C ALA A 107 1.65 -10.97 -8.94
N ALA A 108 0.84 -10.07 -9.49
CA ALA A 108 0.86 -8.66 -9.09
C ALA A 108 0.55 -8.51 -7.62
N PHE A 109 -0.39 -9.32 -7.12
CA PHE A 109 -0.82 -9.25 -5.71
C PHE A 109 0.30 -9.68 -4.84
N GLY A 110 0.99 -10.76 -5.25
CA GLY A 110 2.15 -11.20 -4.51
C GLY A 110 3.26 -10.13 -4.42
N ASP A 111 3.55 -9.44 -5.53
CA ASP A 111 4.59 -8.38 -5.56
CA ASP A 111 4.61 -8.44 -5.49
C ASP A 111 4.22 -7.22 -4.62
N VAL A 112 2.93 -6.87 -4.63
CA VAL A 112 2.44 -5.77 -3.78
C VAL A 112 2.65 -6.16 -2.31
N GLY A 113 2.21 -7.36 -1.95
CA GLY A 113 2.36 -7.86 -0.60
C GLY A 113 3.80 -7.81 -0.11
N ALA A 114 4.70 -8.23 -1.00
CA ALA A 114 6.12 -8.20 -0.71
C ALA A 114 6.64 -6.81 -0.42
N SER A 115 6.16 -5.82 -1.17
CA SER A 115 6.58 -4.42 -1.00
C SER A 115 5.98 -3.91 0.31
N CYS A 116 4.75 -4.28 0.62
CA CYS A 116 4.18 -3.95 1.95
C CYS A 116 5.12 -4.43 3.07
N LYS A 117 5.46 -5.71 3.00
CA LYS A 117 6.30 -6.36 4.02
C LYS A 117 7.71 -5.77 4.08
N ALA A 118 8.28 -5.47 2.93
CA ALA A 118 9.62 -4.90 2.85
C ALA A 118 9.71 -3.58 3.62
N CYS A 119 8.68 -2.73 3.46
CA CYS A 119 8.69 -1.50 4.22
C CYS A 119 8.41 -1.67 5.71
N HIS A 120 7.49 -2.58 5.99
CA HIS A 120 7.11 -2.99 7.34
C HIS A 120 8.39 -3.33 8.12
N ASP A 121 9.15 -4.22 7.53
CA ASP A 121 10.35 -4.72 8.20
C ASP A 121 11.40 -3.62 8.46
N ALA A 122 11.54 -2.67 7.55
CA ALA A 122 12.59 -1.64 7.66
C ALA A 122 12.14 -0.47 8.51
N TYR A 123 10.85 -0.11 8.43
CA TYR A 123 10.41 1.23 8.85
C TYR A 123 9.26 1.33 9.82
N ARG A 124 8.72 0.19 10.22
CA ARG A 124 7.79 0.11 11.36
C ARG A 124 8.48 -0.40 12.57
N LYS A 125 8.09 0.12 13.75
CA LYS A 125 8.69 -0.28 15.05
C LYS A 125 8.20 -1.66 15.48
FE HEC B . 2.27 -0.22 6.18
CHA HEC B . 1.49 0.91 9.31
CHB HEC B . -0.45 -2.25 6.27
CHC HEC B . 2.57 -0.78 2.89
CHD HEC B . 4.86 1.82 6.02
NA HEC B . 0.76 -0.60 7.52
C1A HEC B . 0.62 -0.06 8.77
C2A HEC B . -0.49 -0.58 9.42
C3A HEC B . -1.03 -1.52 8.55
C4A HEC B . -0.21 -1.50 7.42
CMA HEC B . -2.28 -2.35 8.76
CAA HEC B . -1.02 -0.24 10.81
CBA HEC B . -1.89 1.01 10.80
CGA HEC B . -2.51 1.34 12.14
O1A HEC B . -1.80 1.89 13.02
O2A HEC B . -3.68 1.07 12.33
NB HEC B . 1.22 -1.29 4.86
C1B HEC B . 0.13 -2.08 5.03
C2B HEC B . -0.22 -2.71 3.85
C3B HEC B . 0.65 -2.27 2.86
C4B HEC B . 1.52 -1.40 3.55
CMB HEC B . -1.33 -3.69 3.61
CAB HEC B . 0.70 -2.69 1.36
CBB HEC B . -0.68 -2.71 0.70
NC HEC B . 3.48 0.40 4.71
C1C HEC B . 3.56 0.02 3.42
C2C HEC B . 4.62 0.55 2.69
C3C HEC B . 5.30 1.32 3.61
C4C HEC B . 4.54 1.20 4.80
CMC HEC B . 4.98 0.34 1.28
CAC HEC B . 6.54 2.23 3.39
CBC HEC B . 7.06 2.56 2.01
ND HEC B . 2.98 1.14 7.45
C1D HEC B . 4.15 1.83 7.22
C2D HEC B . 4.55 2.59 8.34
C3D HEC B . 3.58 2.34 9.27
C4D HEC B . 2.66 1.43 8.70
CMD HEC B . 5.79 3.49 8.50
CAD HEC B . 3.49 2.92 10.67
CBD HEC B . 2.56 4.14 10.64
CGD HEC B . 2.40 4.86 11.98
O1D HEC B . 2.04 4.21 12.98
O2D HEC B . 2.69 6.08 12.08
C1 ASC C . 1.31 -7.97 3.90
C2 ASC C . 0.83 -6.86 4.67
C3 ASC C . 1.82 -6.40 5.41
C4 ASC C . 2.98 -7.36 5.37
C5 ASC C . 3.23 -8.03 6.73
C6 ASC C . 4.70 -8.34 6.97
O1 ASC C . 0.68 -8.52 3.01
O2 ASC C . -0.42 -6.44 4.66
O3 ASC C . 1.85 -5.25 6.07
O4 ASC C . 2.65 -8.33 4.33
O5 ASC C . 2.47 -9.25 6.84
O6 ASC C . 4.94 -8.70 8.34
N NO D . 3.58 -1.84 6.84
N NO D . 3.38 -1.69 6.89
O NO D . 3.18 -2.91 6.80
O NO D . 4.50 -1.64 6.70
#